data_3TU6
#
_entry.id   3TU6
#
_cell.length_a   35.627
_cell.length_b   53.494
_cell.length_c   59.921
_cell.angle_alpha   90.00
_cell.angle_beta   90.00
_cell.angle_gamma   90.00
#
_symmetry.space_group_name_H-M   'P 21 21 21'
#
loop_
_entity.id
_entity.type
_entity.pdbx_description
1 polymer 'Pseudoazurin (Blue copper protein)'
2 non-polymer 'COPPER (II) ION'
3 non-polymer GLYCEROL
4 water water
#
_entity_poly.entity_id   1
_entity_poly.type   'polypeptide(L)'
_entity_poly.pdbx_seq_one_letter_code
;MEEYRVEMLNKAADGRVMAFEPAVIRAQPGDTVTFVAKDKGHNSALMKGGAPEGAETWKGKINEEITVTLSKPGVYMYQC
APHVGMGMIGAIVVGEPANLEAVKGIKYPGKSKAAAEKIFAEIESGG
;
_entity_poly.pdbx_strand_id   A
#
loop_
_chem_comp.id
_chem_comp.type
_chem_comp.name
_chem_comp.formula
CU non-polymer 'COPPER (II) ION' 'Cu 2'
GOL non-polymer GLYCEROL 'C3 H8 O3'
#
# COMPACT_ATOMS: atom_id res chain seq x y z
N MET A 1 16.71 3.95 -11.50
CA MET A 1 15.60 3.16 -10.92
C MET A 1 16.03 2.57 -9.58
N GLU A 2 15.21 2.77 -8.55
CA GLU A 2 15.39 2.11 -7.26
C GLU A 2 14.34 1.02 -7.10
N GLU A 3 14.73 -0.08 -6.45
CA GLU A 3 13.86 -1.23 -6.24
C GLU A 3 13.62 -1.41 -4.75
N TYR A 4 12.36 -1.29 -4.33
CA TYR A 4 12.00 -1.34 -2.92
C TYR A 4 11.27 -2.63 -2.55
N ARG A 5 11.22 -2.93 -1.26
CA ARG A 5 10.60 -4.14 -0.73
C ARG A 5 9.55 -3.80 0.31
N VAL A 6 8.39 -4.45 0.22
CA VAL A 6 7.37 -4.37 1.24
C VAL A 6 7.02 -5.79 1.69
N GLU A 7 7.28 -6.10 2.95
CA GLU A 7 7.01 -7.42 3.49
C GLU A 7 5.55 -7.55 3.91
N MET A 8 4.93 -8.69 3.58
CA MET A 8 3.57 -8.99 3.98
C MET A 8 3.65 -9.90 5.21
N LEU A 9 3.21 -9.40 6.36
CA LEU A 9 3.49 -10.03 7.65
C LEU A 9 2.25 -10.23 8.51
N ASN A 10 2.29 -11.27 9.34
CA ASN A 10 1.26 -11.49 10.35
C ASN A 10 1.43 -10.54 11.53
N LYS A 11 2.68 -10.32 11.94
CA LYS A 11 3.00 -9.43 13.05
C LYS A 11 4.13 -8.49 12.65
N ALA A 12 3.87 -7.19 12.75
CA ALA A 12 4.86 -6.16 12.37
C ALA A 12 5.73 -5.77 13.57
N ALA A 13 6.73 -4.93 13.31
CA ALA A 13 7.62 -4.43 14.35
C ALA A 13 6.89 -3.53 15.35
N ASP A 14 5.99 -2.68 14.85
CA ASP A 14 5.26 -1.74 15.70
C ASP A 14 3.99 -2.32 16.35
N GLY A 15 3.82 -3.65 16.26
CA GLY A 15 2.73 -4.34 16.95
C GLY A 15 1.47 -4.57 16.14
N ARG A 16 1.48 -4.17 14.87
CA ARG A 16 0.31 -4.34 13.99
C ARG A 16 0.09 -5.82 13.66
N VAL A 17 -1.17 -6.26 13.71
CA VAL A 17 -1.55 -7.62 13.34
C VAL A 17 -2.13 -7.60 11.93
N MET A 18 -1.55 -8.40 11.04
CA MET A 18 -1.83 -8.34 9.59
C MET A 18 -1.40 -6.98 9.04
N ALA A 19 -0.14 -6.90 8.61
CA ALA A 19 0.43 -5.60 8.24
C ALA A 19 1.44 -5.68 7.11
N PHE A 20 1.44 -4.66 6.27
CA PHE A 20 2.51 -4.44 5.30
C PHE A 20 3.61 -3.61 5.97
N GLU A 21 4.86 -4.06 5.84
CA GLU A 21 6.00 -3.36 6.42
CA GLU A 21 6.00 -3.37 6.43
C GLU A 21 7.06 -3.08 5.36
N PRO A 22 7.34 -1.79 5.09
CA PRO A 22 6.75 -0.57 5.67
C PRO A 22 5.35 -0.29 5.14
N ALA A 23 4.55 0.41 5.94
CA ALA A 23 3.19 0.77 5.55
C ALA A 23 3.17 1.83 4.44
N VAL A 24 4.21 2.68 4.42
CA VAL A 24 4.30 3.77 3.47
C VAL A 24 5.68 3.80 2.80
N ILE A 25 5.70 3.40 1.52
CA ILE A 25 6.92 3.49 0.69
C ILE A 25 6.96 4.86 0.02
N ARG A 26 8.12 5.53 0.08
CA ARG A 26 8.33 6.80 -0.61
C ARG A 26 9.26 6.59 -1.79
N ALA A 27 8.68 6.53 -2.99
CA ALA A 27 9.42 6.25 -4.21
C ALA A 27 9.37 7.43 -5.18
N GLN A 28 10.14 7.33 -6.25
CA GLN A 28 10.12 8.30 -7.33
C GLN A 28 9.53 7.64 -8.58
N PRO A 29 9.02 8.45 -9.53
CA PRO A 29 8.49 7.92 -10.78
C PRO A 29 9.47 6.99 -11.50
N GLY A 30 9.03 5.78 -11.82
CA GLY A 30 9.85 4.80 -12.52
C GLY A 30 10.44 3.71 -11.62
N ASP A 31 10.34 3.90 -10.31
CA ASP A 31 10.81 2.90 -9.34
C ASP A 31 9.87 1.70 -9.29
N THR A 32 10.34 0.61 -8.71
CA THR A 32 9.53 -0.59 -8.51
C THR A 32 9.42 -0.96 -7.04
N VAL A 33 8.31 -1.60 -6.68
CA VAL A 33 8.11 -2.15 -5.34
C VAL A 33 7.75 -3.63 -5.46
N THR A 34 8.52 -4.47 -4.78
CA THR A 34 8.29 -5.91 -4.78
C THR A 34 7.71 -6.34 -3.43
N PHE A 35 6.63 -7.09 -3.46
CA PHE A 35 5.98 -7.58 -2.25
C PHE A 35 6.55 -8.94 -1.87
N VAL A 36 6.89 -9.10 -0.59
CA VAL A 36 7.55 -10.30 -0.09
C VAL A 36 6.61 -11.08 0.82
N ALA A 37 6.45 -12.37 0.54
CA ALA A 37 5.59 -13.23 1.33
C ALA A 37 6.38 -13.85 2.48
N LYS A 38 6.79 -13.02 3.43
CA LYS A 38 7.55 -13.48 4.59
C LYS A 38 6.68 -14.40 5.46
N ASP A 39 5.43 -14.00 5.66
CA ASP A 39 4.39 -14.87 6.21
C ASP A 39 3.38 -15.19 5.12
N LYS A 40 2.82 -16.39 5.16
CA LYS A 40 1.89 -16.85 4.12
C LYS A 40 0.45 -16.41 4.38
N GLY A 41 -0.36 -16.43 3.34
CA GLY A 41 -1.78 -16.11 3.43
C GLY A 41 -2.14 -14.68 3.06
N HIS A 42 -1.16 -13.91 2.57
CA HIS A 42 -1.40 -12.52 2.18
C HIS A 42 -1.27 -12.32 0.67
N ASN A 43 -1.86 -11.23 0.19
CA ASN A 43 -1.67 -10.78 -1.18
C ASN A 43 -1.56 -9.25 -1.22
N SER A 44 -1.28 -8.72 -2.40
CA SER A 44 -1.26 -7.28 -2.61
C SER A 44 -2.06 -6.94 -3.86
N ALA A 45 -3.07 -6.08 -3.71
CA ALA A 45 -3.89 -5.63 -4.82
C ALA A 45 -4.24 -4.16 -4.66
N LEU A 46 -4.22 -3.41 -5.76
CA LEU A 46 -4.56 -1.99 -5.74
C LEU A 46 -6.04 -1.84 -5.42
N MET A 47 -6.35 -0.91 -4.51
CA MET A 47 -7.73 -0.64 -4.13
C MET A 47 -8.46 0.09 -5.25
N LYS A 48 -9.77 -0.10 -5.32
CA LYS A 48 -10.59 0.50 -6.37
C LYS A 48 -10.62 2.03 -6.18
N GLY A 49 -10.14 2.76 -7.18
CA GLY A 49 -10.06 4.21 -7.12
C GLY A 49 -8.93 4.73 -6.24
N GLY A 50 -7.96 3.87 -5.94
CA GLY A 50 -6.87 4.21 -5.02
C GLY A 50 -5.55 4.49 -5.71
N ALA A 51 -5.60 4.95 -6.96
CA ALA A 51 -4.41 5.28 -7.72
C ALA A 51 -4.67 6.51 -8.60
N PRO A 52 -3.60 7.21 -9.01
CA PRO A 52 -3.78 8.36 -9.89
C PRO A 52 -4.31 7.95 -11.27
N GLU A 53 -5.01 8.86 -11.93
CA GLU A 53 -5.65 8.57 -13.22
C GLU A 53 -4.62 8.12 -14.25
N GLY A 54 -4.96 7.08 -15.00
CA GLY A 54 -4.09 6.55 -16.05
C GLY A 54 -2.97 5.63 -15.56
N ALA A 55 -2.97 5.30 -14.28
CA ALA A 55 -1.93 4.45 -13.70
C ALA A 55 -2.24 2.98 -13.92
N GLU A 56 -1.19 2.17 -14.04
CA GLU A 56 -1.34 0.72 -14.17
C GLU A 56 -1.72 0.12 -12.82
N THR A 57 -2.72 -0.75 -12.82
CA THR A 57 -3.19 -1.40 -11.59
C THR A 57 -2.55 -2.77 -11.44
N TRP A 58 -2.76 -3.38 -10.27
CA TRP A 58 -2.28 -4.73 -10.03
C TRP A 58 -3.20 -5.49 -9.08
N LYS A 59 -3.20 -6.82 -9.22
CA LYS A 59 -4.01 -7.69 -8.39
C LYS A 59 -3.26 -9.00 -8.18
N GLY A 60 -2.39 -9.01 -7.17
CA GLY A 60 -1.55 -10.17 -6.88
C GLY A 60 -2.33 -11.33 -6.30
N LYS A 61 -1.89 -12.54 -6.61
CA LYS A 61 -2.48 -13.75 -6.02
C LYS A 61 -1.95 -13.94 -4.61
N ILE A 62 -2.57 -14.86 -3.86
CA ILE A 62 -2.14 -15.15 -2.49
C ILE A 62 -0.73 -15.74 -2.50
N ASN A 63 0.15 -15.16 -1.68
CA ASN A 63 1.57 -15.54 -1.62
C ASN A 63 2.40 -15.21 -2.87
N GLU A 64 1.81 -14.50 -3.83
CA GLU A 64 2.53 -14.10 -5.03
C GLU A 64 3.40 -12.88 -4.70
N GLU A 65 4.69 -13.02 -4.93
CA GLU A 65 5.64 -11.94 -4.67
C GLU A 65 5.73 -11.02 -5.89
N ILE A 66 4.68 -10.23 -6.09
CA ILE A 66 4.53 -9.43 -7.29
C ILE A 66 5.37 -8.15 -7.23
N THR A 67 5.98 -7.80 -8.36
CA THR A 67 6.69 -6.54 -8.51
C THR A 67 5.84 -5.60 -9.33
N VAL A 68 5.55 -4.41 -8.78
CA VAL A 68 4.72 -3.42 -9.47
C VAL A 68 5.56 -2.25 -9.98
N THR A 69 5.15 -1.72 -11.13
CA THR A 69 5.79 -0.55 -11.73
C THR A 69 5.04 0.71 -11.30
N LEU A 70 5.78 1.80 -11.12
CA LEU A 70 5.22 3.05 -10.60
C LEU A 70 5.61 4.24 -11.48
N SER A 71 5.05 4.28 -12.69
CA SER A 71 5.42 5.29 -13.68
C SER A 71 4.82 6.66 -13.35
N LYS A 72 3.51 6.69 -13.09
CA LYS A 72 2.81 7.95 -12.84
C LYS A 72 2.93 8.36 -11.37
N PRO A 73 3.17 9.67 -11.11
CA PRO A 73 3.29 10.14 -9.74
C PRO A 73 1.94 10.22 -9.02
N GLY A 74 1.98 10.06 -7.69
CA GLY A 74 0.77 10.11 -6.87
C GLY A 74 0.80 9.07 -5.76
N VAL A 75 -0.32 8.97 -5.04
CA VAL A 75 -0.46 8.00 -3.96
C VAL A 75 -1.20 6.76 -4.47
N TYR A 76 -0.62 5.59 -4.20
CA TYR A 76 -1.21 4.31 -4.56
C TYR A 76 -1.67 3.62 -3.28
N MET A 77 -2.98 3.44 -3.12
CA MET A 77 -3.54 2.74 -1.97
C MET A 77 -3.86 1.29 -2.35
N TYR A 78 -3.24 0.35 -1.65
CA TYR A 78 -3.41 -1.08 -1.93
C TYR A 78 -3.80 -1.84 -0.67
N GLN A 79 -4.25 -3.08 -0.84
CA GLN A 79 -4.79 -3.86 0.28
C GLN A 79 -4.44 -5.34 0.19
N CYS A 80 -4.62 -6.03 1.31
CA CYS A 80 -4.64 -7.48 1.35
C CYS A 80 -6.10 -7.91 1.46
N ALA A 81 -6.59 -8.64 0.45
CA ALA A 81 -8.01 -9.00 0.39
C ALA A 81 -8.48 -9.80 1.62
N PRO A 82 -7.73 -10.85 2.01
CA PRO A 82 -8.09 -11.60 3.22
C PRO A 82 -8.17 -10.77 4.50
N HIS A 83 -7.29 -9.79 4.66
CA HIS A 83 -7.15 -9.08 5.93
C HIS A 83 -7.44 -7.57 5.86
N VAL A 84 -8.03 -7.10 4.76
CA VAL A 84 -8.32 -5.66 4.64
C VAL A 84 -9.25 -5.18 5.75
N GLY A 85 -10.26 -5.99 6.08
CA GLY A 85 -11.19 -5.66 7.16
C GLY A 85 -10.52 -5.59 8.53
N MET A 86 -9.41 -6.31 8.68
CA MET A 86 -8.59 -6.26 9.89
C MET A 86 -7.59 -5.09 9.87
N GLY A 87 -7.54 -4.35 8.77
CA GLY A 87 -6.72 -3.14 8.65
C GLY A 87 -5.45 -3.29 7.84
N MET A 88 -5.31 -4.40 7.10
CA MET A 88 -4.09 -4.65 6.34
C MET A 88 -4.12 -3.90 5.00
N ILE A 89 -3.80 -2.61 5.05
CA ILE A 89 -3.60 -1.81 3.84
C ILE A 89 -2.23 -1.13 3.91
N GLY A 90 -1.75 -0.69 2.75
CA GLY A 90 -0.51 0.05 2.66
C GLY A 90 -0.57 1.12 1.59
N ALA A 91 0.45 1.95 1.54
CA ALA A 91 0.52 3.04 0.57
C ALA A 91 1.88 3.09 -0.12
N ILE A 92 1.87 3.47 -1.39
CA ILE A 92 3.09 3.79 -2.11
C ILE A 92 2.94 5.21 -2.66
N VAL A 93 3.78 6.12 -2.17
CA VAL A 93 3.78 7.50 -2.64
C VAL A 93 4.88 7.66 -3.68
N VAL A 94 4.48 8.04 -4.90
CA VAL A 94 5.41 8.19 -6.02
C VAL A 94 5.53 9.68 -6.36
N GLY A 95 6.72 10.23 -6.17
CA GLY A 95 6.94 11.66 -6.36
C GLY A 95 6.13 12.45 -5.36
N GLU A 96 5.38 13.44 -5.84
CA GLU A 96 4.51 14.25 -4.99
C GLU A 96 3.10 13.66 -4.94
N PRO A 97 2.48 13.64 -3.75
CA PRO A 97 1.12 13.10 -3.62
C PRO A 97 0.07 14.08 -4.14
N ALA A 98 -0.13 14.10 -5.46
CA ALA A 98 -1.07 15.02 -6.10
C ALA A 98 -2.52 14.58 -5.90
N ASN A 99 -2.77 13.28 -5.88
CA ASN A 99 -4.12 12.72 -5.74
C ASN A 99 -4.47 12.32 -4.30
N LEU A 100 -3.87 13.01 -3.32
CA LEU A 100 -4.06 12.68 -1.91
C LEU A 100 -5.50 12.91 -1.46
N GLU A 101 -6.12 13.97 -1.96
CA GLU A 101 -7.50 14.29 -1.63
C GLU A 101 -8.46 13.23 -2.18
N ALA A 102 -8.18 12.74 -3.39
CA ALA A 102 -9.01 11.73 -4.04
C ALA A 102 -8.96 10.39 -3.32
N VAL A 103 -7.75 9.97 -2.92
CA VAL A 103 -7.57 8.67 -2.25
C VAL A 103 -8.14 8.65 -0.84
N LYS A 104 -8.30 9.83 -0.22
CA LYS A 104 -8.95 9.92 1.10
C LYS A 104 -10.43 9.54 1.04
N GLY A 105 -11.06 9.75 -0.10
CA GLY A 105 -12.51 9.56 -0.25
C GLY A 105 -12.99 8.20 -0.72
N ILE A 106 -12.07 7.24 -0.91
CA ILE A 106 -12.45 5.90 -1.38
C ILE A 106 -12.98 5.05 -0.24
N LYS A 107 -13.45 3.85 -0.57
CA LYS A 107 -14.05 2.95 0.42
C LYS A 107 -12.99 2.23 1.25
N TYR A 108 -13.01 2.47 2.56
CA TYR A 108 -12.13 1.78 3.50
C TYR A 108 -12.97 0.97 4.49
N PRO A 109 -13.17 -0.33 4.20
CA PRO A 109 -14.05 -1.16 5.02
C PRO A 109 -13.39 -1.65 6.31
N GLY A 110 -14.16 -1.71 7.38
CA GLY A 110 -13.69 -2.23 8.65
C GLY A 110 -12.56 -1.39 9.26
N LYS A 111 -11.51 -2.07 9.72
CA LYS A 111 -10.41 -1.42 10.41
C LYS A 111 -9.42 -0.70 9.49
N SER A 112 -9.56 -0.88 8.17
CA SER A 112 -8.71 -0.18 7.20
C SER A 112 -8.95 1.34 7.18
N LYS A 113 -10.09 1.78 7.71
CA LYS A 113 -10.38 3.21 7.83
C LYS A 113 -9.42 3.88 8.82
N ALA A 114 -9.25 3.25 9.98
CA ALA A 114 -8.29 3.73 10.99
C ALA A 114 -6.85 3.59 10.50
N ALA A 115 -6.59 2.50 9.76
CA ALA A 115 -5.28 2.28 9.17
C ALA A 115 -4.95 3.34 8.11
N ALA A 116 -5.95 3.71 7.32
CA ALA A 116 -5.79 4.75 6.31
C ALA A 116 -5.49 6.11 6.95
N GLU A 117 -6.24 6.44 8.01
CA GLU A 117 -6.01 7.67 8.77
C GLU A 117 -4.59 7.77 9.32
N LYS A 118 -4.03 6.65 9.77
CA LYS A 118 -2.64 6.58 10.22
C LYS A 118 -1.67 6.80 9.06
N ILE A 119 -1.99 6.20 7.92
CA ILE A 119 -1.18 6.33 6.71
C ILE A 119 -1.16 7.77 6.19
N PHE A 120 -2.33 8.41 6.16
CA PHE A 120 -2.43 9.79 5.68
C PHE A 120 -1.76 10.81 6.61
N ALA A 121 -1.81 10.56 7.91
CA ALA A 121 -1.09 11.39 8.88
C ALA A 121 0.42 11.23 8.72
N GLU A 122 0.86 10.01 8.41
CA GLU A 122 2.27 9.71 8.21
C GLU A 122 2.83 10.42 6.98
N ILE A 123 2.05 10.42 5.90
CA ILE A 123 2.45 11.08 4.65
C ILE A 123 2.46 12.60 4.79
N GLU A 124 1.40 13.15 5.39
CA GLU A 124 1.24 14.60 5.49
C GLU A 124 2.18 15.22 6.52
N SER A 125 2.15 14.71 7.75
CA SER A 125 2.86 15.34 8.88
C SER A 125 4.02 14.53 9.44
N GLY A 126 4.21 13.30 8.97
CA GLY A 126 5.28 12.43 9.47
C GLY A 126 4.78 11.39 10.45
N GLY A 127 3.91 11.81 11.38
CA GLY A 127 3.33 10.90 12.36
C GLY A 127 1.95 11.35 12.81
CU CU B . -2.96 -10.24 4.73
C1 GOL C . -13.26 -6.73 4.60
O1 GOL C . -12.30 -7.75 4.75
C2 GOL C . -14.28 -7.07 3.51
O2 GOL C . -13.78 -8.04 2.62
C3 GOL C . -14.67 -5.81 2.74
O3 GOL C . -15.60 -6.13 1.73
#